data_6ZNB
#
_entry.id   6ZNB
#
_cell.length_a   158.477
_cell.length_b   158.477
_cell.length_c   158.477
_cell.angle_alpha   90.000
_cell.angle_beta   90.000
_cell.angle_gamma   90.000
#
_symmetry.space_group_name_H-M   'F 41 3 2'
#
loop_
_entity.id
_entity.type
_entity.pdbx_description
1 polymer 'Phage SAM lyase Svi3-3'
2 non-polymer 'PHOSPHATE ION'
3 water water
#
_entity_poly.entity_id   1
_entity_poly.type   'polypeptide(L)'
_entity_poly.pdbx_seq_one_letter_code
;SLMERLGGGGFSARIFVGLNVGDKPTYTIEDVVKDTIAIRKRQGILPDASFVAQRGVYTEQRSGQLVTENSVQIIIIDLE
GLSKEDFTGKVQALGKELREDFKQESVIVEIQERGIVQDVYSITAEWYEEGPMRPLRVDLQPSLIS
;
_entity_poly.pdbx_strand_id   AA
#
loop_
_chem_comp.id
_chem_comp.type
_chem_comp.name
_chem_comp.formula
PO4 non-polymer 'PHOSPHATE ION' 'O4 P -3'
#
# COMPACT_ATOMS: atom_id res chain seq x y z
N SER A 1 9.19 27.19 -18.20
CA SER A 1 9.17 25.90 -17.52
C SER A 1 10.59 25.32 -17.45
N LEU A 2 11.00 24.92 -16.26
CA LEU A 2 12.32 24.35 -16.05
C LEU A 2 12.21 22.83 -16.03
N MET A 3 12.94 22.16 -16.93
CA MET A 3 12.93 20.70 -17.05
C MET A 3 14.20 20.15 -16.42
N GLU A 4 14.06 19.44 -15.31
CA GLU A 4 15.18 18.89 -14.57
C GLU A 4 15.04 17.37 -14.50
N ARG A 5 16.12 16.66 -14.84
CA ARG A 5 16.15 15.21 -14.78
C ARG A 5 16.44 14.79 -13.34
N LEU A 6 15.43 14.30 -12.64
CA LEU A 6 15.61 13.94 -11.24
C LEU A 6 16.52 12.72 -11.08
N GLY A 7 16.58 11.85 -12.08
CA GLY A 7 17.44 10.69 -12.01
C GLY A 7 16.95 9.60 -12.95
N GLY A 8 17.46 8.39 -12.72
CA GLY A 8 17.11 7.25 -13.53
C GLY A 8 15.97 6.39 -13.02
N GLY A 9 15.42 6.72 -11.85
CA GLY A 9 14.33 5.95 -11.31
C GLY A 9 14.07 6.22 -9.83
N GLY A 10 14.70 5.44 -8.97
CA GLY A 10 14.51 5.56 -7.53
C GLY A 10 13.67 4.42 -6.98
N PHE A 11 13.41 4.49 -5.68
CA PHE A 11 12.65 3.47 -4.99
C PHE A 11 11.17 3.85 -4.95
N SER A 12 10.32 2.88 -5.23
CA SER A 12 8.88 3.06 -5.15
C SER A 12 8.25 1.79 -4.59
N ALA A 13 7.04 1.94 -4.06
CA ALA A 13 6.32 0.81 -3.47
C ALA A 13 4.86 0.86 -3.91
N ARG A 14 4.22 -0.30 -3.86
CA ARG A 14 2.80 -0.42 -4.19
C ARG A 14 2.13 -1.29 -3.14
N ILE A 15 1.02 -0.80 -2.60
CA ILE A 15 0.27 -1.49 -1.56
C ILE A 15 -1.16 -1.71 -2.06
N PHE A 16 -1.61 -2.96 -2.02
CA PHE A 16 -2.94 -3.35 -2.48
C PHE A 16 -3.81 -3.67 -1.27
N VAL A 17 -4.92 -2.96 -1.14
CA VAL A 17 -5.82 -3.10 0.00
C VAL A 17 -7.22 -3.37 -0.51
N GLY A 18 -7.82 -4.46 -0.03
CA GLY A 18 -9.21 -4.75 -0.34
C GLY A 18 -10.17 -3.90 0.46
N LEU A 19 -11.44 -3.92 0.03
CA LEU A 19 -12.48 -3.13 0.69
C LEU A 19 -13.59 -3.97 1.29
N ASN A 20 -13.42 -5.29 1.36
CA ASN A 20 -14.43 -6.19 1.87
C ASN A 20 -14.01 -6.76 3.22
N VAL A 21 -14.97 -6.88 4.14
CA VAL A 21 -14.79 -7.72 5.32
C VAL A 21 -15.40 -9.07 4.99
N GLY A 22 -14.54 -10.09 4.83
CA GLY A 22 -15.01 -11.37 4.36
C GLY A 22 -15.52 -11.27 2.93
N ASP A 23 -16.82 -10.99 2.78
CA ASP A 23 -17.40 -10.84 1.46
C ASP A 23 -18.34 -9.65 1.34
N LYS A 24 -18.36 -8.75 2.33
CA LYS A 24 -19.30 -7.64 2.33
C LYS A 24 -18.58 -6.35 1.95
N PRO A 25 -19.00 -5.65 0.90
CA PRO A 25 -18.44 -4.32 0.63
C PRO A 25 -18.65 -3.39 1.82
N THR A 26 -17.57 -2.76 2.26
CA THR A 26 -17.57 -2.07 3.54
C THR A 26 -16.93 -0.70 3.46
N TYR A 27 -15.73 -0.63 2.89
CA TYR A 27 -14.96 0.61 2.82
C TYR A 27 -14.90 1.12 1.39
N THR A 28 -14.61 2.40 1.27
CA THR A 28 -14.44 3.06 -0.01
C THR A 28 -12.98 3.47 -0.20
N ILE A 29 -12.67 3.95 -1.40
CA ILE A 29 -11.31 4.41 -1.66
C ILE A 29 -11.00 5.65 -0.84
N GLU A 30 -12.02 6.47 -0.54
CA GLU A 30 -11.80 7.64 0.29
C GLU A 30 -11.41 7.25 1.71
N ASP A 31 -11.90 6.12 2.20
CA ASP A 31 -11.50 5.65 3.51
C ASP A 31 -10.01 5.31 3.55
N VAL A 32 -9.51 4.70 2.47
CA VAL A 32 -8.12 4.26 2.45
C VAL A 32 -7.16 5.43 2.31
N VAL A 33 -7.52 6.45 1.51
CA VAL A 33 -6.62 7.58 1.34
C VAL A 33 -6.53 8.41 2.61
N LYS A 34 -7.68 8.69 3.23
CA LYS A 34 -7.67 9.45 4.48
C LYS A 34 -6.90 8.72 5.58
N ASP A 35 -7.05 7.40 5.64
CA ASP A 35 -6.31 6.62 6.63
C ASP A 35 -4.85 6.46 6.28
N THR A 36 -4.49 6.56 5.00
CA THR A 36 -3.09 6.45 4.60
C THR A 36 -2.32 7.73 4.93
N ILE A 37 -2.93 8.89 4.74
CA ILE A 37 -2.29 10.14 5.14
C ILE A 37 -2.05 10.15 6.65
N ALA A 38 -3.03 9.67 7.42
CA ALA A 38 -2.93 9.71 8.87
C ALA A 38 -1.77 8.84 9.37
N ILE A 39 -1.59 7.65 8.78
CA ILE A 39 -0.53 6.76 9.22
C ILE A 39 0.83 7.35 8.91
N ARG A 40 1.04 7.78 7.65
CA ARG A 40 2.33 8.31 7.26
C ARG A 40 2.65 9.65 7.92
N LYS A 41 1.63 10.41 8.34
CA LYS A 41 1.87 11.59 9.14
C LYS A 41 2.54 11.23 10.46
N ARG A 42 2.03 10.17 11.12
CA ARG A 42 2.63 9.70 12.36
C ARG A 42 4.00 9.08 12.15
N GLN A 43 4.32 8.67 10.93
CA GLN A 43 5.64 8.15 10.63
C GLN A 43 6.68 9.26 10.49
N GLY A 44 6.24 10.51 10.38
CA GLY A 44 7.11 11.63 10.13
C GLY A 44 7.37 11.91 8.66
N ILE A 45 7.18 10.92 7.79
CA ILE A 45 7.41 11.11 6.36
C ILE A 45 6.35 12.02 5.78
N LEU A 46 6.67 12.63 4.64
CA LEU A 46 5.68 13.34 3.84
C LEU A 46 4.65 12.33 3.35
N PRO A 47 3.37 12.53 3.62
CA PRO A 47 2.38 11.49 3.30
C PRO A 47 1.98 11.45 1.83
N ASP A 48 2.80 12.03 0.97
CA ASP A 48 2.46 12.15 -0.45
C ASP A 48 2.36 10.76 -1.08
N ALA A 49 1.20 10.48 -1.68
CA ALA A 49 0.96 9.19 -2.33
C ALA A 49 -0.22 9.35 -3.28
N SER A 50 -0.31 8.45 -4.25
CA SER A 50 -1.41 8.41 -5.20
C SER A 50 -2.14 7.08 -5.08
N PHE A 51 -3.39 7.07 -5.53
CA PHE A 51 -4.28 5.93 -5.31
C PHE A 51 -5.06 5.64 -6.59
N VAL A 52 -5.07 4.36 -6.99
CA VAL A 52 -5.79 3.90 -8.17
C VAL A 52 -6.83 2.88 -7.74
N ALA A 53 -8.02 2.98 -8.32
CA ALA A 53 -9.11 2.05 -8.02
C ALA A 53 -8.99 0.80 -8.87
N GLN A 54 -9.41 -0.33 -8.29
CA GLN A 54 -9.32 -1.62 -8.96
C GLN A 54 -10.56 -2.45 -8.66
N ARG A 55 -10.85 -3.39 -9.56
CA ARG A 55 -11.77 -4.48 -9.31
C ARG A 55 -10.95 -5.74 -9.07
N GLY A 56 -11.35 -6.53 -8.09
CA GLY A 56 -10.57 -7.67 -7.68
C GLY A 56 -11.39 -8.96 -7.67
N VAL A 57 -10.70 -10.06 -7.95
CA VAL A 57 -11.28 -11.40 -7.88
C VAL A 57 -10.23 -12.32 -7.26
N TYR A 58 -10.59 -12.98 -6.16
CA TYR A 58 -9.64 -13.79 -5.42
C TYR A 58 -10.37 -14.98 -4.81
N THR A 59 -9.59 -16.00 -4.44
CA THR A 59 -10.11 -17.14 -3.68
C THR A 59 -9.65 -17.05 -2.22
N GLY A 64 -12.65 -21.69 1.91
CA GLY A 64 -12.15 -20.97 0.75
C GLY A 64 -13.14 -20.92 -0.41
N GLN A 65 -13.41 -19.71 -0.90
CA GLN A 65 -14.31 -19.50 -2.02
C GLN A 65 -13.86 -18.25 -2.77
N LEU A 66 -14.54 -17.96 -3.88
CA LEU A 66 -14.16 -16.88 -4.79
C LEU A 66 -15.01 -15.64 -4.53
N VAL A 67 -14.37 -14.55 -4.13
CA VAL A 67 -15.03 -13.29 -3.84
C VAL A 67 -14.62 -12.26 -4.88
N THR A 68 -15.56 -11.40 -5.26
CA THR A 68 -15.28 -10.24 -6.09
C THR A 68 -15.36 -8.99 -5.21
N GLU A 69 -14.27 -8.23 -5.16
CA GLU A 69 -14.19 -7.07 -4.29
C GLU A 69 -13.57 -5.90 -5.03
N ASN A 70 -13.90 -4.69 -4.58
CA ASN A 70 -13.16 -3.50 -4.97
C ASN A 70 -11.91 -3.41 -4.12
N SER A 71 -10.82 -2.95 -4.74
CA SER A 71 -9.56 -2.77 -4.03
C SER A 71 -8.96 -1.43 -4.42
N VAL A 72 -7.92 -1.04 -3.69
CA VAL A 72 -7.23 0.22 -3.92
C VAL A 72 -5.74 -0.06 -4.09
N GLN A 73 -5.15 0.51 -5.13
CA GLN A 73 -3.72 0.41 -5.39
C GLN A 73 -3.06 1.71 -4.92
N ILE A 74 -2.15 1.58 -3.96
CA ILE A 74 -1.45 2.73 -3.38
C ILE A 74 -0.05 2.78 -3.96
N ILE A 75 0.34 3.93 -4.49
CA ILE A 75 1.66 4.13 -5.09
C ILE A 75 2.41 5.14 -4.25
N ILE A 76 3.59 4.75 -3.77
CA ILE A 76 4.44 5.59 -2.92
C ILE A 76 5.79 5.76 -3.61
N ILE A 77 6.27 7.01 -3.66
CA ILE A 77 7.58 7.33 -4.21
C ILE A 77 8.49 7.79 -3.08
N ASP A 78 9.76 7.40 -3.16
CA ASP A 78 10.75 7.73 -2.13
C ASP A 78 11.23 9.18 -2.34
N LEU A 79 10.34 10.11 -1.98
CA LEU A 79 10.61 11.53 -2.15
C LEU A 79 11.57 12.08 -1.10
N GLU A 80 11.47 11.59 0.13
CA GLU A 80 12.30 12.04 1.24
C GLU A 80 13.74 11.56 1.15
N GLY A 81 14.08 10.76 0.13
CA GLY A 81 15.45 10.33 -0.08
C GLY A 81 15.99 9.43 1.01
N LEU A 82 15.31 8.33 1.29
CA LEU A 82 15.76 7.36 2.29
C LEU A 82 16.55 6.24 1.64
N SER A 83 17.26 5.49 2.47
CA SER A 83 17.82 4.23 2.06
C SER A 83 16.70 3.25 1.72
N LYS A 84 17.07 2.15 1.06
CA LYS A 84 16.05 1.19 0.63
C LYS A 84 15.37 0.53 1.82
N GLU A 85 16.09 0.28 2.91
CA GLU A 85 15.50 -0.46 4.02
C GLU A 85 14.77 0.44 5.02
N ASP A 86 15.18 1.70 5.16
CA ASP A 86 14.36 2.64 5.91
C ASP A 86 13.08 2.96 5.16
N PHE A 87 13.15 3.03 3.83
CA PHE A 87 11.96 3.19 3.03
C PHE A 87 11.09 1.94 3.06
N THR A 88 11.71 0.77 2.90
CA THR A 88 10.96 -0.48 2.94
C THR A 88 10.30 -0.68 4.30
N GLY A 89 10.99 -0.28 5.37
CA GLY A 89 10.44 -0.48 6.70
C GLY A 89 9.15 0.29 6.93
N LYS A 90 9.10 1.54 6.48
CA LYS A 90 7.92 2.36 6.71
C LYS A 90 6.76 1.91 5.84
N VAL A 91 7.04 1.47 4.61
CA VAL A 91 5.98 0.93 3.75
C VAL A 91 5.38 -0.31 4.38
N GLN A 92 6.24 -1.21 4.86
CA GLN A 92 5.75 -2.41 5.53
C GLN A 92 4.98 -2.06 6.80
N ALA A 93 5.39 -1.00 7.49
CA ALA A 93 4.61 -0.53 8.65
C ALA A 93 3.28 0.04 8.20
N LEU A 94 3.27 0.80 7.10
CA LEU A 94 2.02 1.31 6.56
C LEU A 94 1.09 0.18 6.14
N GLY A 95 1.65 -0.84 5.47
CA GLY A 95 0.81 -1.96 5.06
C GLY A 95 0.25 -2.73 6.23
N LYS A 96 1.08 -2.96 7.25
CA LYS A 96 0.64 -3.68 8.44
C LYS A 96 -0.47 -2.93 9.16
N GLU A 97 -0.33 -1.61 9.29
CA GLU A 97 -1.37 -0.82 9.93
C GLU A 97 -2.61 -0.73 9.05
N LEU A 98 -2.44 -0.71 7.74
CA LEU A 98 -3.59 -0.65 6.84
C LEU A 98 -4.42 -1.93 6.92
N ARG A 99 -3.74 -3.08 7.04
CA ARG A 99 -4.47 -4.35 7.15
C ARG A 99 -5.35 -4.36 8.40
N GLU A 100 -4.85 -3.83 9.51
CA GLU A 100 -5.63 -3.79 10.74
C GLU A 100 -6.76 -2.77 10.64
N ASP A 101 -6.46 -1.57 10.13
CA ASP A 101 -7.45 -0.51 10.08
C ASP A 101 -8.66 -0.87 9.22
N PHE A 102 -8.52 -1.83 8.31
CA PHE A 102 -9.64 -2.26 7.47
C PHE A 102 -9.92 -3.75 7.60
N LYS A 103 -9.40 -4.38 8.66
CA LYS A 103 -9.74 -5.75 9.04
C LYS A 103 -9.50 -6.73 7.88
N GLN A 104 -8.44 -6.49 7.12
CA GLN A 104 -8.12 -7.35 6.01
C GLN A 104 -7.47 -8.65 6.48
N GLU A 105 -7.74 -9.74 5.76
CA GLU A 105 -7.05 -10.99 6.03
C GLU A 105 -5.62 -10.94 5.53
N SER A 106 -5.36 -10.19 4.47
CA SER A 106 -4.03 -10.09 3.89
C SER A 106 -3.88 -8.74 3.19
N VAL A 107 -2.63 -8.30 3.09
CA VAL A 107 -2.27 -7.09 2.36
C VAL A 107 -0.94 -7.35 1.67
N ILE A 108 -0.88 -7.05 0.37
CA ILE A 108 0.34 -7.25 -0.41
C ILE A 108 1.13 -5.95 -0.44
N VAL A 109 2.44 -6.05 -0.25
CA VAL A 109 3.36 -4.93 -0.33
C VAL A 109 4.47 -5.29 -1.31
N GLU A 110 4.70 -4.43 -2.29
CA GLU A 110 5.64 -4.70 -3.36
C GLU A 110 6.57 -3.50 -3.50
N ILE A 111 7.87 -3.73 -3.25
CA ILE A 111 8.88 -2.69 -3.35
C ILE A 111 9.51 -2.75 -4.74
N GLN A 112 9.68 -1.58 -5.35
CA GLN A 112 10.27 -1.45 -6.68
C GLN A 112 11.45 -0.50 -6.62
N GLU A 113 12.34 -0.64 -7.61
CA GLU A 113 13.41 0.32 -7.85
C GLU A 113 13.53 0.49 -9.36
N ARG A 114 13.30 1.72 -9.84
CA ARG A 114 13.25 2.03 -11.27
C ARG A 114 12.21 1.18 -11.99
N GLY A 115 11.14 0.80 -11.28
CA GLY A 115 10.09 -0.02 -11.83
C GLY A 115 10.31 -1.50 -11.72
N ILE A 116 11.53 -1.95 -11.44
CA ILE A 116 11.82 -3.37 -11.29
C ILE A 116 11.47 -3.80 -9.88
N VAL A 117 10.70 -4.89 -9.77
CA VAL A 117 10.26 -5.36 -8.46
C VAL A 117 11.45 -5.96 -7.71
N GLN A 118 11.72 -5.42 -6.52
CA GLN A 118 12.79 -5.92 -5.67
C GLN A 118 12.28 -6.98 -4.70
N ASP A 119 11.23 -6.67 -3.95
CA ASP A 119 10.61 -7.61 -3.03
C ASP A 119 9.11 -7.48 -3.11
N VAL A 120 8.41 -8.56 -2.78
CA VAL A 120 6.96 -8.57 -2.63
C VAL A 120 6.65 -9.24 -1.30
N TYR A 121 6.24 -8.46 -0.31
CA TYR A 121 5.97 -8.96 1.02
C TYR A 121 4.48 -9.26 1.18
N SER A 122 4.19 -10.32 1.92
CA SER A 122 2.83 -10.69 2.28
C SER A 122 2.58 -10.35 3.74
N ILE A 123 1.53 -9.57 4.00
CA ILE A 123 1.15 -9.17 5.34
C ILE A 123 -0.17 -9.87 5.64
N THR A 124 -0.11 -10.95 6.42
CA THR A 124 -1.25 -11.82 6.67
C THR A 124 -1.62 -11.79 8.15
N ALA A 125 -2.92 -11.73 8.42
CA ALA A 125 -3.42 -11.74 9.78
C ALA A 125 -3.34 -13.15 10.36
N GLU A 126 -2.90 -13.23 11.62
CA GLU A 126 -2.80 -14.50 12.33
C GLU A 126 -4.00 -14.75 13.22
N TRP A 127 -5.20 -14.64 12.67
CA TRP A 127 -6.41 -14.90 13.44
C TRP A 127 -6.43 -16.34 13.93
N TYR A 128 -6.76 -16.52 15.21
CA TYR A 128 -6.78 -17.85 15.78
C TYR A 128 -7.94 -18.67 15.22
N GLU A 129 -7.65 -19.91 14.83
CA GLU A 129 -8.66 -20.82 14.32
C GLU A 129 -8.27 -22.27 14.57
P PO4 B . -7.73 -7.11 13.36
O1 PO4 B . -8.30 -6.05 12.46
O2 PO4 B . -8.50 -7.14 14.65
O3 PO4 B . -6.27 -6.81 13.64
O4 PO4 B . -7.84 -8.46 12.69
P PO4 C . -1.04 -5.80 14.40
O1 PO4 C . -2.32 -6.58 14.60
O2 PO4 C . -0.05 -6.14 15.50
O3 PO4 C . -0.44 -6.13 13.05
O4 PO4 C . -1.36 -4.32 14.48
#